data_9FZT
#
_entry.id   9FZT
#
_cell.length_a   68.080
_cell.length_b   87.360
_cell.length_c   100.800
_cell.angle_alpha   90.00
_cell.angle_beta   90.00
_cell.angle_gamma   90.00
#
_symmetry.space_group_name_H-M   'P 2 21 21'
#
loop_
_entity.id
_entity.type
_entity.pdbx_description
1 polymer 'Glucose-6-phosphate isomerase'
2 non-polymer 6-O-phosphono-beta-D-fructofuranose
3 non-polymer 'CHLORIDE ION'
4 water water
#
_entity_poly.entity_id   1
_entity_poly.type   'polypeptide(L)'
_entity_poly.pdbx_seq_one_letter_code
;GPLGSMASFKLATDLPEWKKLEETYKSVGEKFSVRDAFAKDPKRFEEFSWIYKNYDDSKILFDFSKNLVNKEILDQLVTL
AKEAGVEKLRDAMFAGDHINTTEDRAVYHVALRNRALRKMPVDGKDTAQEVDDVLKHMKEFSDSIRDGSWTGYTGKSITD
VVNIGIGGSDLGPVMVTEALKAYSKPGLNVHFISNIDGTHTAETLKNLNPETTLFLIASKTFTTAETITNATSAKNWFLA
TAKDSKHIAKHFAALSTNEKEVVAFGIDAKNMFGFESWVGGRYSVWSAIGLSVAIYIGFENFNDFLKGAEAMDQHFLTTP
LENNIPVIGGLLSVWYNNFFGAQTHLVVPFDQYLHRFPAYLQQLSMESNGKSVTRANVFTNYQTGTILFGEPATNAQHSF
FQLVHQGTKLIPADFILAAQSHNPIEKNLHQRMLASNFFAQSEALMVGKDEAKVKAEGATGGLVPHKEFSGNRPTTSILA
QKITPATLGSLIAYYEHLTFTEGAIWNINSFDQWGVELGKVLAKVIGKELDDKKAVATHDASTNGLINQFKEWEE
;
_entity_poly.pdbx_strand_id   A
#
loop_
_chem_comp.id
_chem_comp.type
_chem_comp.name
_chem_comp.formula
CL non-polymer 'CHLORIDE ION' 'Cl -1'
F6P D-saccharide, beta linking 6-O-phosphono-beta-D-fructofuranose 'C6 H13 O9 P'
#
# COMPACT_ATOMS: atom_id res chain seq x y z
N MET A 6 18.22 -0.21 20.89
CA MET A 6 19.24 -1.07 20.23
C MET A 6 18.59 -2.43 19.98
N ALA A 7 19.06 -3.07 18.91
CA ALA A 7 18.66 -4.39 18.49
C ALA A 7 19.36 -5.41 19.39
N SER A 8 18.79 -6.61 19.46
CA SER A 8 19.30 -7.73 20.23
C SER A 8 20.28 -8.53 19.38
N PHE A 9 20.32 -8.23 18.07
CA PHE A 9 21.13 -8.97 17.11
C PHE A 9 21.48 -8.02 15.96
N LYS A 10 22.50 -8.39 15.19
CA LYS A 10 23.01 -7.51 14.16
C LYS A 10 22.33 -7.80 12.83
N LEU A 11 22.49 -9.07 12.38
CA LEU A 11 22.01 -9.51 11.09
C LEU A 11 21.07 -10.70 11.24
N ALA A 12 20.04 -10.72 10.37
CA ALA A 12 19.08 -11.82 10.32
C ALA A 12 19.79 -13.16 10.08
N THR A 13 20.85 -13.13 9.26
CA THR A 13 21.67 -14.28 8.95
C THR A 13 22.37 -14.85 10.19
N ASP A 14 22.45 -14.08 11.28
CA ASP A 14 23.07 -14.53 12.52
C ASP A 14 22.09 -15.34 13.38
N LEU A 15 20.77 -15.20 13.17
CA LEU A 15 19.82 -15.89 14.00
C LEU A 15 19.96 -17.41 13.80
N PRO A 16 20.08 -18.22 14.89
CA PRO A 16 20.26 -19.67 14.75
C PRO A 16 19.18 -20.33 13.88
N GLU A 17 17.94 -19.86 13.94
CA GLU A 17 16.87 -20.47 13.15
C GLU A 17 16.99 -20.16 11.66
N TRP A 18 17.70 -19.06 11.31
CA TRP A 18 17.93 -18.72 9.91
C TRP A 18 18.79 -19.80 9.25
N LYS A 19 19.88 -20.12 9.94
CA LYS A 19 20.79 -21.22 9.58
C LYS A 19 20.04 -22.55 9.51
N LYS A 20 19.15 -22.83 10.46
CA LYS A 20 18.33 -24.03 10.39
C LYS A 20 17.44 -24.02 9.13
N LEU A 21 16.81 -22.89 8.82
CA LEU A 21 15.90 -22.77 7.68
C LEU A 21 16.63 -22.97 6.36
N GLU A 22 17.90 -22.54 6.29
CA GLU A 22 18.74 -22.78 5.13
C GLU A 22 18.83 -24.29 4.87
N GLU A 23 19.03 -25.08 5.94
CA GLU A 23 19.06 -26.54 5.82
C GLU A 23 17.69 -27.10 5.45
N THR A 24 16.63 -26.59 6.10
CA THR A 24 15.27 -27.05 5.79
C THR A 24 14.96 -26.74 4.33
N TYR A 25 15.39 -25.56 3.83
CA TYR A 25 15.23 -25.23 2.43
C TYR A 25 15.85 -26.31 1.54
N LYS A 26 17.09 -26.71 1.82
CA LYS A 26 17.77 -27.69 0.97
C LYS A 26 17.03 -29.03 1.05
N SER A 27 16.64 -29.46 2.26
CA SER A 27 16.14 -30.82 2.40
C SER A 27 14.66 -30.92 2.04
N VAL A 28 13.86 -29.86 2.19
CA VAL A 28 12.41 -30.03 2.09
C VAL A 28 11.77 -28.89 1.28
N GLY A 29 12.34 -27.66 1.34
CA GLY A 29 11.68 -26.51 0.75
C GLY A 29 11.83 -26.43 -0.76
N GLU A 30 13.08 -26.60 -1.23
CA GLU A 30 13.42 -26.37 -2.61
C GLU A 30 12.60 -27.27 -3.53
N LYS A 31 12.38 -28.53 -3.15
CA LYS A 31 11.62 -29.42 -4.03
C LYS A 31 10.22 -29.68 -3.46
N PHE A 32 9.68 -28.71 -2.68
CA PHE A 32 8.42 -28.93 -2.00
C PHE A 32 7.31 -29.17 -3.04
N SER A 33 6.52 -30.23 -2.83
CA SER A 33 5.38 -30.56 -3.66
C SER A 33 4.07 -30.28 -2.92
N VAL A 34 3.34 -29.25 -3.37
CA VAL A 34 2.04 -28.89 -2.82
C VAL A 34 1.05 -30.05 -3.00
N ARG A 35 1.07 -30.70 -4.17
CA ARG A 35 0.24 -31.87 -4.46
C ARG A 35 0.45 -32.96 -3.41
N ASP A 36 1.74 -33.28 -3.13
CA ASP A 36 2.08 -34.25 -2.10
CA ASP A 36 2.09 -34.26 -2.10
C ASP A 36 1.57 -33.79 -0.73
N ALA A 37 1.66 -32.49 -0.44
CA ALA A 37 1.21 -31.96 0.85
C ALA A 37 -0.28 -32.19 1.08
N PHE A 38 -1.13 -31.91 0.07
CA PHE A 38 -2.56 -32.20 0.19
C PHE A 38 -2.81 -33.70 0.40
N ALA A 39 -2.06 -34.55 -0.33
CA ALA A 39 -2.21 -36.00 -0.22
C ALA A 39 -1.73 -36.50 1.14
N LYS A 40 -0.69 -35.90 1.74
CA LYS A 40 -0.24 -36.33 3.05
C LYS A 40 -1.24 -35.92 4.13
N ASP A 41 -1.90 -34.76 3.98
CA ASP A 41 -2.57 -34.12 5.11
C ASP A 41 -4.00 -33.74 4.71
N PRO A 42 -4.99 -34.61 5.03
CA PRO A 42 -6.38 -34.34 4.66
C PRO A 42 -6.97 -33.11 5.35
N LYS A 43 -6.24 -32.52 6.31
CA LYS A 43 -6.73 -31.32 6.97
C LYS A 43 -5.90 -30.09 6.56
N ARG A 44 -5.22 -30.14 5.39
CA ARG A 44 -4.30 -29.08 4.99
C ARG A 44 -5.01 -27.73 4.84
N PHE A 45 -6.13 -27.71 4.11
CA PHE A 45 -6.89 -26.48 3.94
C PHE A 45 -7.22 -25.85 5.31
N GLU A 46 -7.71 -26.68 6.26
CA GLU A 46 -8.17 -26.22 7.57
C GLU A 46 -6.94 -25.71 8.34
N GLU A 47 -5.78 -26.37 8.18
CA GLU A 47 -4.61 -26.03 8.98
C GLU A 47 -3.91 -24.76 8.47
N PHE A 48 -4.05 -24.47 7.15
CA PHE A 48 -3.32 -23.39 6.50
C PHE A 48 -4.25 -22.25 6.02
N SER A 49 -5.48 -22.22 6.53
CA SER A 49 -6.41 -21.13 6.27
C SER A 49 -6.97 -20.62 7.60
N TRP A 50 -7.24 -19.30 7.63
CA TRP A 50 -7.71 -18.59 8.81
C TRP A 50 -8.84 -17.65 8.42
N ILE A 51 -9.90 -17.64 9.25
CA ILE A 51 -10.96 -16.65 9.13
C ILE A 51 -10.64 -15.48 10.05
N TYR A 52 -10.53 -14.30 9.48
CA TYR A 52 -10.49 -13.06 10.23
C TYR A 52 -11.92 -12.59 10.43
N LYS A 53 -12.28 -12.22 11.67
CA LYS A 53 -13.57 -11.63 12.00
C LYS A 53 -13.37 -10.14 12.32
N ASN A 54 -14.03 -9.28 11.54
CA ASN A 54 -13.84 -7.85 11.62
C ASN A 54 -14.70 -7.31 12.76
N TYR A 55 -14.59 -6.02 13.11
CA TYR A 55 -15.31 -5.49 14.26
C TYR A 55 -16.83 -5.55 14.07
N ASP A 56 -17.31 -5.58 12.81
CA ASP A 56 -18.72 -5.55 12.47
C ASP A 56 -19.25 -6.97 12.21
N ASP A 57 -18.50 -8.00 12.63
CA ASP A 57 -18.80 -9.41 12.44
C ASP A 57 -18.76 -9.88 10.98
N SER A 58 -18.36 -9.02 10.04
CA SER A 58 -17.98 -9.43 8.70
C SER A 58 -16.66 -10.24 8.75
N LYS A 59 -16.38 -10.99 7.66
CA LYS A 59 -15.30 -11.97 7.67
C LYS A 59 -14.49 -11.93 6.38
N ILE A 60 -13.25 -12.37 6.51
CA ILE A 60 -12.29 -12.49 5.43
C ILE A 60 -11.55 -13.80 5.65
N LEU A 61 -11.57 -14.68 4.62
CA LEU A 61 -10.85 -15.94 4.67
C LEU A 61 -9.47 -15.71 4.06
N PHE A 62 -8.43 -16.00 4.85
CA PHE A 62 -7.06 -16.01 4.33
C PHE A 62 -6.59 -17.47 4.21
N ASP A 63 -6.46 -17.93 2.95
CA ASP A 63 -6.07 -19.29 2.61
C ASP A 63 -4.64 -19.29 2.05
N PHE A 64 -3.73 -19.75 2.89
CA PHE A 64 -2.31 -19.90 2.56
C PHE A 64 -1.97 -21.32 2.08
N SER A 65 -2.95 -22.21 1.87
CA SER A 65 -2.63 -23.65 1.79
C SER A 65 -1.97 -24.07 0.46
N LYS A 66 -2.01 -23.23 -0.59
CA LYS A 66 -1.36 -23.52 -1.88
C LYS A 66 0.08 -23.01 -1.92
N ASN A 67 0.58 -22.51 -0.77
CA ASN A 67 1.97 -22.10 -0.61
C ASN A 67 2.88 -23.32 -0.39
N LEU A 68 4.19 -23.06 -0.59
CA LEU A 68 5.26 -24.03 -0.40
CA LEU A 68 5.26 -24.02 -0.40
C LEU A 68 5.68 -24.03 1.08
N VAL A 69 4.76 -24.48 1.94
CA VAL A 69 4.93 -24.47 3.38
C VAL A 69 4.18 -25.67 3.96
N ASN A 70 4.69 -26.22 5.06
CA ASN A 70 3.99 -27.22 5.86
C ASN A 70 4.20 -26.85 7.33
N LYS A 71 3.76 -27.72 8.24
CA LYS A 71 3.89 -27.45 9.66
C LYS A 71 5.35 -27.28 10.05
N GLU A 72 6.23 -28.20 9.64
CA GLU A 72 7.65 -28.11 9.95
C GLU A 72 8.18 -26.71 9.59
N ILE A 73 7.94 -26.29 8.33
CA ILE A 73 8.50 -25.04 7.81
C ILE A 73 7.90 -23.84 8.55
N LEU A 74 6.58 -23.81 8.75
CA LEU A 74 5.97 -22.67 9.40
C LEU A 74 6.41 -22.54 10.86
N ASP A 75 6.55 -23.68 11.56
CA ASP A 75 7.02 -23.69 12.93
C ASP A 75 8.42 -23.05 12.99
N GLN A 76 9.29 -23.39 12.02
CA GLN A 76 10.64 -22.82 11.98
C GLN A 76 10.54 -21.31 11.73
N LEU A 77 9.68 -20.88 10.80
CA LEU A 77 9.56 -19.45 10.51
C LEU A 77 9.07 -18.68 11.74
N VAL A 78 8.18 -19.34 12.53
CA VAL A 78 7.68 -18.76 13.77
C VAL A 78 8.82 -18.63 14.78
N THR A 79 9.69 -19.66 14.87
CA THR A 79 10.84 -19.61 15.78
C THR A 79 11.79 -18.49 15.32
N LEU A 80 12.01 -18.36 14.00
CA LEU A 80 12.76 -17.22 13.48
C LEU A 80 12.15 -15.88 13.95
N ALA A 81 10.82 -15.71 13.83
CA ALA A 81 10.13 -14.48 14.24
C ALA A 81 10.37 -14.17 15.74
N LYS A 82 10.39 -15.23 16.55
CA LYS A 82 10.65 -15.11 17.98
C LYS A 82 12.10 -14.71 18.25
N GLU A 83 13.07 -15.35 17.57
CA GLU A 83 14.46 -14.94 17.69
C GLU A 83 14.68 -13.50 17.22
N ALA A 84 13.96 -13.08 16.16
CA ALA A 84 14.14 -11.72 15.66
C ALA A 84 13.41 -10.68 16.52
N GLY A 85 12.59 -11.10 17.48
CA GLY A 85 11.95 -10.16 18.39
C GLY A 85 10.84 -9.36 17.71
N VAL A 86 10.15 -10.01 16.77
CA VAL A 86 9.00 -9.41 16.11
C VAL A 86 7.97 -8.90 17.15
N GLU A 87 7.67 -9.69 18.18
CA GLU A 87 6.71 -9.31 19.21
C GLU A 87 7.17 -8.10 20.03
N LYS A 88 8.45 -8.09 20.45
CA LYS A 88 8.97 -6.99 21.23
C LYS A 88 8.90 -5.70 20.39
N LEU A 89 9.27 -5.76 19.10
CA LEU A 89 9.24 -4.56 18.26
C LEU A 89 7.80 -4.08 18.05
N ARG A 90 6.90 -5.03 17.79
CA ARG A 90 5.48 -4.73 17.65
C ARG A 90 4.96 -4.01 18.89
N ASP A 91 5.26 -4.55 20.06
CA ASP A 91 4.71 -4.00 21.30
C ASP A 91 5.32 -2.62 21.57
N ALA A 92 6.59 -2.41 21.20
CA ALA A 92 7.23 -1.10 21.29
C ALA A 92 6.50 -0.10 20.39
N MET A 93 6.17 -0.51 19.15
CA MET A 93 5.43 0.34 18.22
C MET A 93 4.12 0.78 18.90
N PHE A 94 3.36 -0.18 19.48
CA PHE A 94 2.04 0.11 20.06
C PHE A 94 2.18 0.92 21.33
N ALA A 95 3.36 0.84 21.96
CA ALA A 95 3.60 1.60 23.19
C ALA A 95 3.97 3.05 22.86
N GLY A 96 4.08 3.40 21.58
CA GLY A 96 4.52 4.75 21.21
C GLY A 96 6.03 5.00 21.31
N ASP A 97 6.83 3.94 21.43
CA ASP A 97 8.28 4.09 21.54
C ASP A 97 8.86 4.52 20.18
N HIS A 98 10.09 5.09 20.20
CA HIS A 98 10.68 5.70 19.03
C HIS A 98 11.41 4.63 18.19
N ILE A 99 10.64 3.69 17.62
CA ILE A 99 11.24 2.55 16.94
C ILE A 99 11.71 2.94 15.53
N ASN A 100 11.33 4.14 15.04
CA ASN A 100 11.97 4.74 13.87
C ASN A 100 13.26 5.38 14.38
N THR A 101 14.30 4.55 14.50
CA THR A 101 15.50 4.89 15.25
C THR A 101 16.30 5.97 14.53
N THR A 102 16.34 5.93 13.20
CA THR A 102 17.22 6.82 12.48
C THR A 102 16.68 8.25 12.47
N GLU A 103 15.38 8.42 12.67
CA GLU A 103 14.79 9.77 12.73
C GLU A 103 14.34 10.10 14.16
N ASP A 104 14.58 9.14 15.08
CA ASP A 104 14.19 9.21 16.48
C ASP A 104 12.74 9.65 16.57
N ARG A 105 11.87 8.81 16.00
CA ARG A 105 10.43 9.06 16.00
C ARG A 105 9.64 7.84 16.41
N ALA A 106 8.46 8.09 16.99
CA ALA A 106 7.43 7.08 17.16
C ALA A 106 6.88 6.69 15.79
N VAL A 107 6.23 5.52 15.76
CA VAL A 107 5.64 4.96 14.55
C VAL A 107 4.19 4.61 14.91
N TYR A 108 3.24 5.53 14.62
CA TYR A 108 2.00 5.50 15.36
C TYR A 108 0.79 5.73 14.45
N HIS A 109 0.87 5.16 13.24
CA HIS A 109 -0.32 5.03 12.40
C HIS A 109 -1.41 4.26 13.13
N VAL A 110 -1.06 3.33 14.04
CA VAL A 110 -2.07 2.53 14.76
C VAL A 110 -2.96 3.46 15.60
N ALA A 111 -2.39 4.59 16.06
CA ALA A 111 -3.10 5.53 16.89
C ALA A 111 -4.07 6.39 16.09
N LEU A 112 -3.95 6.45 14.76
CA LEU A 112 -4.85 7.25 13.92
C LEU A 112 -6.24 6.66 13.87
N ARG A 113 -6.34 5.33 14.04
CA ARG A 113 -7.59 4.60 13.94
C ARG A 113 -8.00 4.00 15.30
N ASN A 114 -7.53 4.62 16.40
CA ASN A 114 -7.89 4.34 17.78
C ASN A 114 -9.27 4.92 18.10
N ARG A 115 -10.32 4.36 17.46
CA ARG A 115 -11.68 4.86 17.63
C ARG A 115 -12.27 4.41 18.95
N ALA A 116 -11.68 3.36 19.57
CA ALA A 116 -12.04 2.92 20.92
C ALA A 116 -11.49 3.89 21.99
N LEU A 117 -10.57 4.80 21.59
CA LEU A 117 -9.97 5.76 22.49
C LEU A 117 -9.21 5.07 23.65
N ARG A 118 -8.52 3.98 23.34
CA ARG A 118 -7.52 3.41 24.23
C ARG A 118 -6.44 4.45 24.48
N LYS A 119 -5.74 4.24 25.59
CA LYS A 119 -4.61 5.07 25.93
C LYS A 119 -3.45 4.71 25.02
N MET A 120 -2.99 5.66 24.22
CA MET A 120 -1.97 5.40 23.23
C MET A 120 -1.01 6.59 23.26
N PRO A 121 0.01 6.54 24.14
CA PRO A 121 0.88 7.69 24.40
C PRO A 121 2.14 7.73 23.54
N VAL A 122 2.46 8.95 23.09
CA VAL A 122 3.78 9.28 22.59
C VAL A 122 4.40 10.30 23.55
N ASP A 123 5.66 10.04 23.92
CA ASP A 123 6.41 10.86 24.88
C ASP A 123 5.64 10.94 26.20
N GLY A 124 4.98 9.84 26.55
CA GLY A 124 4.27 9.71 27.82
C GLY A 124 2.95 10.48 27.88
N LYS A 125 2.44 10.95 26.72
CA LYS A 125 1.25 11.75 26.61
C LYS A 125 0.29 11.10 25.60
N ASP A 126 -0.90 10.77 26.11
CA ASP A 126 -1.95 10.13 25.35
C ASP A 126 -2.26 10.97 24.10
N THR A 127 -2.44 10.29 22.98
CA THR A 127 -2.72 10.91 21.70
C THR A 127 -4.20 10.74 21.33
N ALA A 128 -4.96 9.97 22.12
CA ALA A 128 -6.29 9.54 21.70
C ALA A 128 -7.16 10.76 21.36
N GLN A 129 -7.16 11.75 22.25
CA GLN A 129 -8.08 12.88 22.11
C GLN A 129 -7.62 13.78 20.97
N GLU A 130 -6.30 13.98 20.79
CA GLU A 130 -5.83 14.92 19.79
C GLU A 130 -6.13 14.34 18.39
N VAL A 131 -6.02 13.01 18.25
CA VAL A 131 -6.32 12.36 16.98
C VAL A 131 -7.83 12.50 16.73
N ASP A 132 -8.63 12.28 17.78
CA ASP A 132 -10.07 12.34 17.72
C ASP A 132 -10.56 13.74 17.34
N ASP A 133 -9.94 14.78 17.89
CA ASP A 133 -10.28 16.16 17.60
C ASP A 133 -10.19 16.45 16.10
N VAL A 134 -9.12 15.96 15.45
CA VAL A 134 -8.89 16.25 14.05
C VAL A 134 -9.96 15.52 13.22
N LEU A 135 -10.28 14.27 13.60
CA LEU A 135 -11.37 13.52 12.96
C LEU A 135 -12.73 14.22 13.11
N LYS A 136 -12.97 14.86 14.25
CA LYS A 136 -14.20 15.63 14.47
C LYS A 136 -14.21 16.80 13.49
N HIS A 137 -13.05 17.41 13.25
CA HIS A 137 -12.95 18.53 12.33
C HIS A 137 -13.23 18.05 10.90
N MET A 138 -12.65 16.89 10.57
CA MET A 138 -12.85 16.25 9.28
C MET A 138 -14.32 15.88 9.05
N LYS A 139 -15.03 15.42 10.09
CA LYS A 139 -16.44 15.11 10.00
C LYS A 139 -17.25 16.38 9.70
N GLU A 140 -17.07 17.44 10.51
CA GLU A 140 -17.77 18.70 10.31
C GLU A 140 -17.54 19.25 8.92
N PHE A 141 -16.27 19.35 8.50
CA PHE A 141 -15.93 19.93 7.20
C PHE A 141 -16.47 19.09 6.05
N SER A 142 -16.29 17.76 6.07
CA SER A 142 -16.78 16.92 4.99
C SER A 142 -18.32 16.95 4.93
N ASP A 143 -18.98 16.99 6.09
CA ASP A 143 -20.45 17.11 6.09
C ASP A 143 -20.88 18.42 5.42
N SER A 144 -20.18 19.53 5.71
CA SER A 144 -20.42 20.84 5.12
C SER A 144 -20.34 20.84 3.60
N ILE A 145 -19.27 20.23 3.08
CA ILE A 145 -19.04 20.13 1.65
C ILE A 145 -20.21 19.34 1.04
N ARG A 146 -20.44 18.14 1.60
CA ARG A 146 -21.42 17.19 1.10
C ARG A 146 -22.84 17.74 1.18
N ASP A 147 -23.24 18.44 2.25
CA ASP A 147 -24.62 18.94 2.32
C ASP A 147 -24.77 20.27 1.56
N GLY A 148 -23.68 20.88 1.08
CA GLY A 148 -23.79 22.10 0.30
C GLY A 148 -23.82 23.38 1.13
N SER A 149 -23.63 23.28 2.46
CA SER A 149 -23.59 24.47 3.30
C SER A 149 -22.24 25.19 3.21
N TRP A 150 -21.14 24.48 2.96
CA TRP A 150 -19.89 25.16 2.65
C TRP A 150 -19.91 25.60 1.19
N THR A 151 -20.00 26.93 0.98
CA THR A 151 -20.14 27.54 -0.34
C THR A 151 -18.83 28.24 -0.73
N GLY A 152 -18.55 28.23 -2.04
CA GLY A 152 -17.42 28.97 -2.60
C GLY A 152 -17.61 30.49 -2.56
N TYR A 153 -16.71 31.19 -3.25
CA TYR A 153 -16.55 32.63 -3.11
C TYR A 153 -17.71 33.39 -3.74
N THR A 154 -18.51 32.72 -4.60
CA THR A 154 -19.70 33.31 -5.19
C THR A 154 -20.98 32.71 -4.60
N GLY A 155 -20.91 31.98 -3.49
CA GLY A 155 -22.10 31.49 -2.79
C GLY A 155 -22.65 30.16 -3.31
N LYS A 156 -21.87 29.46 -4.16
CA LYS A 156 -22.29 28.17 -4.69
C LYS A 156 -21.66 27.01 -3.92
N SER A 157 -22.44 25.94 -3.78
CA SER A 157 -21.99 24.67 -3.26
C SER A 157 -20.84 24.09 -4.09
N ILE A 158 -19.99 23.32 -3.43
CA ILE A 158 -18.84 22.67 -4.05
C ILE A 158 -19.31 21.42 -4.80
N THR A 159 -18.85 21.27 -6.05
CA THR A 159 -19.13 20.10 -6.88
C THR A 159 -17.89 19.22 -7.08
N ASP A 160 -16.67 19.79 -6.91
CA ASP A 160 -15.44 19.09 -7.24
C ASP A 160 -14.37 19.44 -6.21
N VAL A 161 -13.64 18.39 -5.79
CA VAL A 161 -12.57 18.44 -4.82
C VAL A 161 -11.29 17.90 -5.47
N VAL A 162 -10.23 18.72 -5.48
CA VAL A 162 -8.97 18.33 -6.07
C VAL A 162 -7.96 18.17 -4.94
N ASN A 163 -7.44 16.94 -4.78
CA ASN A 163 -6.36 16.63 -3.87
C ASN A 163 -5.08 16.95 -4.62
N ILE A 164 -4.20 17.77 -4.03
CA ILE A 164 -2.89 17.98 -4.64
C ILE A 164 -1.86 17.42 -3.68
N GLY A 165 -1.03 16.49 -4.16
CA GLY A 165 -0.08 15.82 -3.31
C GLY A 165 0.55 14.64 -4.05
N ILE A 166 1.64 14.10 -3.51
CA ILE A 166 2.38 13.07 -4.22
C ILE A 166 2.78 11.98 -3.22
N GLY A 167 2.95 10.76 -3.76
CA GLY A 167 3.38 9.62 -2.97
C GLY A 167 2.37 9.30 -1.87
N GLY A 168 2.81 9.40 -0.61
CA GLY A 168 1.96 9.11 0.54
C GLY A 168 0.75 10.04 0.63
N SER A 169 0.87 11.24 0.03
CA SER A 169 -0.20 12.24 0.04
C SER A 169 -1.16 12.10 -1.14
N ASP A 170 -0.99 11.03 -1.93
CA ASP A 170 -1.73 10.86 -3.18
C ASP A 170 -2.24 9.43 -3.32
N LEU A 171 -1.36 8.43 -3.20
CA LEU A 171 -1.70 7.08 -3.63
C LEU A 171 -2.85 6.53 -2.79
N GLY A 172 -2.84 6.88 -1.50
CA GLY A 172 -3.90 6.47 -0.59
C GLY A 172 -5.25 7.06 -1.00
N PRO A 173 -5.38 8.40 -1.04
CA PRO A 173 -6.62 9.02 -1.54
C PRO A 173 -7.15 8.49 -2.88
N VAL A 174 -6.23 8.28 -3.84
CA VAL A 174 -6.58 7.72 -5.12
C VAL A 174 -7.11 6.29 -4.90
N MET A 175 -6.33 5.46 -4.23
CA MET A 175 -6.65 4.05 -4.22
C MET A 175 -7.99 3.85 -3.50
N VAL A 176 -8.20 4.58 -2.40
CA VAL A 176 -9.33 4.32 -1.52
C VAL A 176 -10.61 4.93 -2.12
N THR A 177 -10.55 6.15 -2.71
CA THR A 177 -11.71 6.72 -3.41
C THR A 177 -12.10 5.82 -4.60
N GLU A 178 -11.11 5.26 -5.34
CA GLU A 178 -11.43 4.32 -6.41
C GLU A 178 -12.11 3.06 -5.85
N ALA A 179 -11.50 2.50 -4.78
CA ALA A 179 -11.94 1.23 -4.21
C ALA A 179 -13.35 1.33 -3.62
N LEU A 180 -13.69 2.48 -3.00
CA LEU A 180 -14.95 2.65 -2.29
C LEU A 180 -15.90 3.57 -3.06
N LYS A 181 -15.68 3.66 -4.38
CA LYS A 181 -16.42 4.54 -5.26
C LYS A 181 -17.92 4.22 -5.25
N ALA A 182 -18.31 2.97 -4.98
CA ALA A 182 -19.71 2.64 -4.88
C ALA A 182 -20.40 3.44 -3.77
N TYR A 183 -19.63 4.03 -2.82
CA TYR A 183 -20.26 4.72 -1.69
C TYR A 183 -20.29 6.23 -1.91
N SER A 184 -19.99 6.67 -3.13
CA SER A 184 -19.94 8.09 -3.43
C SER A 184 -21.32 8.62 -3.84
N LYS A 185 -21.42 9.94 -3.96
CA LYS A 185 -22.66 10.66 -4.19
C LYS A 185 -22.56 11.20 -5.60
N PRO A 186 -23.59 11.05 -6.48
CA PRO A 186 -23.48 11.60 -7.84
C PRO A 186 -23.40 13.13 -7.76
N GLY A 187 -22.63 13.72 -8.67
CA GLY A 187 -22.45 15.17 -8.68
C GLY A 187 -21.33 15.66 -7.75
N LEU A 188 -20.77 14.80 -6.88
CA LEU A 188 -19.66 15.22 -6.02
C LEU A 188 -18.44 14.39 -6.36
N ASN A 189 -17.55 15.02 -7.14
CA ASN A 189 -16.41 14.35 -7.74
C ASN A 189 -15.10 14.76 -7.09
N VAL A 190 -14.16 13.80 -7.10
CA VAL A 190 -12.80 14.00 -6.59
C VAL A 190 -11.83 13.83 -7.75
N HIS A 191 -10.76 14.63 -7.68
CA HIS A 191 -9.69 14.66 -8.67
C HIS A 191 -8.36 14.74 -7.92
N PHE A 192 -7.28 14.45 -8.64
CA PHE A 192 -5.94 14.31 -8.08
C PHE A 192 -4.99 15.01 -9.04
N ILE A 193 -4.14 15.89 -8.50
CA ILE A 193 -2.97 16.38 -9.19
C ILE A 193 -1.79 15.90 -8.36
N SER A 194 -0.82 15.24 -8.99
CA SER A 194 0.29 14.69 -8.23
C SER A 194 1.63 14.91 -8.91
N ASN A 195 1.73 14.53 -10.19
CA ASN A 195 2.95 14.70 -10.98
C ASN A 195 3.27 16.19 -11.07
N ILE A 196 4.57 16.55 -11.04
CA ILE A 196 5.02 17.90 -11.40
C ILE A 196 4.80 18.15 -12.89
N ASP A 197 4.85 17.09 -13.73
CA ASP A 197 4.49 17.21 -15.15
C ASP A 197 3.24 18.09 -15.29
N GLY A 198 3.39 19.19 -16.05
CA GLY A 198 2.33 20.18 -16.17
C GLY A 198 1.07 19.64 -16.83
N THR A 199 1.24 18.57 -17.61
CA THR A 199 0.10 17.82 -18.13
C THR A 199 -0.92 17.52 -17.01
N HIS A 200 -0.44 17.10 -15.84
CA HIS A 200 -1.33 16.72 -14.75
C HIS A 200 -2.23 17.88 -14.28
N THR A 201 -1.66 19.07 -14.10
CA THR A 201 -2.43 20.26 -13.76
C THR A 201 -3.39 20.63 -14.91
N ALA A 202 -2.88 20.68 -16.14
CA ALA A 202 -3.66 21.20 -17.25
C ALA A 202 -4.87 20.30 -17.49
N GLU A 203 -4.66 18.98 -17.47
CA GLU A 203 -5.73 18.03 -17.77
C GLU A 203 -6.77 18.02 -16.63
N THR A 204 -6.33 18.17 -15.39
CA THR A 204 -7.25 18.05 -14.27
C THR A 204 -8.14 19.28 -14.13
N LEU A 205 -7.61 20.48 -14.41
CA LEU A 205 -8.34 21.72 -14.20
C LEU A 205 -9.15 22.15 -15.43
N LYS A 206 -8.91 21.48 -16.57
CA LYS A 206 -9.49 21.80 -17.87
C LYS A 206 -10.97 22.18 -17.77
N ASN A 207 -11.80 21.31 -17.22
CA ASN A 207 -13.24 21.52 -17.22
C ASN A 207 -13.80 21.94 -15.86
N LEU A 208 -12.96 22.25 -14.87
CA LEU A 208 -13.47 22.57 -13.54
C LEU A 208 -13.82 24.05 -13.44
N ASN A 209 -14.79 24.33 -12.57
CA ASN A 209 -15.21 25.68 -12.28
C ASN A 209 -14.60 26.16 -10.98
N PRO A 210 -13.75 27.22 -10.98
CA PRO A 210 -13.17 27.76 -9.75
C PRO A 210 -14.17 28.09 -8.66
N GLU A 211 -15.39 28.51 -9.04
CA GLU A 211 -16.44 28.86 -8.09
C GLU A 211 -16.95 27.68 -7.28
N THR A 212 -16.83 26.44 -7.82
CA THR A 212 -17.36 25.24 -7.17
C THR A 212 -16.28 24.16 -6.98
N THR A 213 -15.00 24.57 -7.00
CA THR A 213 -13.88 23.64 -6.82
C THR A 213 -13.15 23.95 -5.51
N LEU A 214 -12.97 22.88 -4.70
CA LEU A 214 -12.20 22.87 -3.46
C LEU A 214 -10.87 22.13 -3.63
N PHE A 215 -9.75 22.78 -3.23
CA PHE A 215 -8.44 22.17 -3.26
C PHE A 215 -8.05 21.73 -1.85
N LEU A 216 -7.52 20.52 -1.78
CA LEU A 216 -6.89 19.96 -0.59
C LEU A 216 -5.39 19.84 -0.89
N ILE A 217 -4.56 20.68 -0.26
CA ILE A 217 -3.12 20.60 -0.47
C ILE A 217 -2.55 19.63 0.56
N ALA A 218 -2.15 18.44 0.09
CA ALA A 218 -1.78 17.36 0.98
C ALA A 218 -0.27 17.16 0.93
N SER A 219 0.40 17.50 2.04
CA SER A 219 1.83 17.28 2.16
C SER A 219 2.18 17.17 3.64
N LYS A 220 2.72 16.01 4.04
CA LYS A 220 3.19 15.83 5.40
C LYS A 220 4.11 17.01 5.75
N THR A 221 5.15 17.23 4.93
CA THR A 221 6.16 18.26 5.15
C THR A 221 5.65 19.65 4.79
N PHE A 222 4.82 19.73 3.74
CA PHE A 222 4.40 20.98 3.11
C PHE A 222 5.60 21.73 2.51
N THR A 223 6.66 21.00 2.11
CA THR A 223 7.82 21.56 1.43
C THR A 223 8.15 20.74 0.17
N THR A 224 7.43 19.64 -0.09
CA THR A 224 7.74 18.85 -1.27
C THR A 224 7.68 19.74 -2.52
N ALA A 225 8.69 19.65 -3.38
CA ALA A 225 8.87 20.59 -4.47
C ALA A 225 7.68 20.50 -5.43
N GLU A 226 7.34 19.28 -5.87
CA GLU A 226 6.26 19.08 -6.83
C GLU A 226 4.93 19.60 -6.27
N THR A 227 4.64 19.29 -4.99
CA THR A 227 3.36 19.63 -4.39
C THR A 227 3.18 21.13 -4.22
N ILE A 228 4.20 21.84 -3.69
CA ILE A 228 4.09 23.29 -3.52
C ILE A 228 3.95 23.96 -4.89
N THR A 229 4.73 23.50 -5.89
CA THR A 229 4.63 24.06 -7.22
C THR A 229 3.22 23.83 -7.78
N ASN A 230 2.68 22.61 -7.63
CA ASN A 230 1.36 22.28 -8.15
C ASN A 230 0.31 23.13 -7.43
N ALA A 231 0.46 23.29 -6.10
CA ALA A 231 -0.49 24.08 -5.33
C ALA A 231 -0.44 25.55 -5.76
N THR A 232 0.76 26.08 -6.06
CA THR A 232 0.91 27.45 -6.54
C THR A 232 0.17 27.59 -7.89
N SER A 233 0.36 26.62 -8.77
CA SER A 233 -0.31 26.64 -10.07
C SER A 233 -1.83 26.60 -9.93
N ALA A 234 -2.38 25.80 -8.97
CA ALA A 234 -3.81 25.77 -8.75
C ALA A 234 -4.30 27.11 -8.17
N LYS A 235 -3.51 27.69 -7.27
CA LYS A 235 -3.84 28.98 -6.71
C LYS A 235 -3.84 30.05 -7.82
N ASN A 236 -2.87 29.98 -8.76
CA ASN A 236 -2.87 30.86 -9.92
C ASN A 236 -4.14 30.68 -10.74
N TRP A 237 -4.51 29.43 -11.02
CA TRP A 237 -5.69 29.14 -11.81
C TRP A 237 -6.96 29.65 -11.12
N PHE A 238 -7.07 29.41 -9.82
CA PHE A 238 -8.20 29.92 -9.07
C PHE A 238 -8.28 31.46 -9.14
N LEU A 239 -7.16 32.15 -8.88
CA LEU A 239 -7.12 33.61 -8.84
C LEU A 239 -7.26 34.23 -10.24
N ALA A 240 -6.93 33.52 -11.32
CA ALA A 240 -7.17 34.07 -12.65
C ALA A 240 -8.66 34.39 -12.82
N THR A 241 -9.55 33.63 -12.15
CA THR A 241 -10.99 33.85 -12.20
C THR A 241 -11.49 34.66 -10.99
N ALA A 242 -11.05 34.29 -9.78
CA ALA A 242 -11.53 34.86 -8.53
C ALA A 242 -10.91 36.22 -8.22
N LYS A 243 -9.72 36.53 -8.77
CA LYS A 243 -9.09 37.84 -8.73
C LYS A 243 -8.52 38.16 -7.34
N ASP A 244 -9.30 38.04 -6.26
CA ASP A 244 -8.89 38.52 -4.95
C ASP A 244 -8.46 37.37 -4.04
N SER A 245 -7.28 37.53 -3.42
CA SER A 245 -6.67 36.55 -2.52
C SER A 245 -7.56 36.20 -1.32
N LYS A 246 -8.50 37.06 -0.91
CA LYS A 246 -9.34 36.78 0.25
C LYS A 246 -10.31 35.61 -0.03
N HIS A 247 -10.53 35.26 -1.30
CA HIS A 247 -11.43 34.17 -1.66
C HIS A 247 -10.79 32.78 -1.48
N ILE A 248 -9.46 32.74 -1.30
CA ILE A 248 -8.72 31.50 -1.14
C ILE A 248 -9.23 30.68 0.04
N ALA A 249 -9.58 31.39 1.14
CA ALA A 249 -10.11 30.84 2.38
C ALA A 249 -11.35 29.97 2.20
N LYS A 250 -12.07 30.09 1.07
CA LYS A 250 -13.23 29.23 0.86
C LYS A 250 -12.90 28.05 -0.07
N HIS A 251 -11.68 28.03 -0.63
CA HIS A 251 -11.39 27.07 -1.69
C HIS A 251 -10.11 26.26 -1.47
N PHE A 252 -9.34 26.53 -0.41
CA PHE A 252 -8.07 25.85 -0.18
C PHE A 252 -7.97 25.42 1.28
N ALA A 253 -7.87 24.10 1.49
CA ALA A 253 -7.54 23.48 2.77
C ALA A 253 -6.19 22.79 2.66
N ALA A 254 -5.55 22.49 3.82
CA ALA A 254 -4.27 21.78 3.87
C ALA A 254 -4.32 20.59 4.83
N LEU A 255 -3.67 19.51 4.38
CA LEU A 255 -3.49 18.28 5.15
C LEU A 255 -1.99 18.10 5.35
N SER A 256 -1.49 18.38 6.57
CA SER A 256 -0.07 18.55 6.77
C SER A 256 0.32 18.39 8.25
N THR A 257 1.62 18.26 8.50
CA THR A 257 2.14 18.37 9.86
C THR A 257 2.68 19.77 10.14
N ASN A 258 2.74 20.63 9.12
CA ASN A 258 3.62 21.80 9.19
C ASN A 258 2.79 23.09 9.08
N GLU A 259 2.22 23.52 10.21
CA GLU A 259 1.35 24.69 10.25
C GLU A 259 2.06 25.95 9.75
N LYS A 260 3.34 26.17 10.11
CA LYS A 260 4.15 27.31 9.65
C LYS A 260 4.08 27.50 8.12
N GLU A 261 4.39 26.43 7.39
CA GLU A 261 4.48 26.46 5.93
C GLU A 261 3.10 26.56 5.28
N VAL A 262 2.09 25.97 5.94
CA VAL A 262 0.70 26.05 5.50
C VAL A 262 0.26 27.51 5.46
N VAL A 263 0.59 28.24 6.53
CA VAL A 263 0.12 29.60 6.74
C VAL A 263 0.90 30.55 5.83
N ALA A 264 2.23 30.33 5.73
CA ALA A 264 3.10 31.02 4.78
C ALA A 264 2.60 30.86 3.34
N PHE A 265 1.87 29.75 3.04
CA PHE A 265 1.33 29.50 1.69
C PHE A 265 0.06 30.33 1.43
N GLY A 266 -0.54 30.94 2.48
CA GLY A 266 -1.75 31.72 2.32
C GLY A 266 -3.02 30.88 2.61
N ILE A 267 -2.84 29.71 3.24
CA ILE A 267 -3.98 28.93 3.75
C ILE A 267 -4.17 29.28 5.22
N ASP A 268 -5.42 29.60 5.56
CA ASP A 268 -5.93 29.86 6.90
C ASP A 268 -5.76 28.63 7.81
N ALA A 269 -5.30 28.86 9.04
CA ALA A 269 -5.15 27.82 10.06
C ALA A 269 -6.47 27.11 10.38
N LYS A 270 -7.62 27.76 10.25
CA LYS A 270 -8.89 27.07 10.51
C LYS A 270 -9.16 25.98 9.45
N ASN A 271 -8.51 26.10 8.26
CA ASN A 271 -8.67 25.17 7.15
C ASN A 271 -7.49 24.18 7.10
N MET A 272 -6.75 24.03 8.19
CA MET A 272 -5.72 23.00 8.26
C MET A 272 -6.21 21.77 9.06
N PHE A 273 -5.92 20.59 8.48
CA PHE A 273 -6.23 19.30 9.08
C PHE A 273 -4.89 18.63 9.34
N GLY A 274 -4.50 18.64 10.63
CA GLY A 274 -3.14 18.37 11.07
C GLY A 274 -2.94 16.90 11.38
N PHE A 275 -1.67 16.49 11.33
CA PHE A 275 -1.24 15.21 11.86
C PHE A 275 0.20 15.39 12.32
N GLU A 276 0.76 14.35 12.92
CA GLU A 276 2.08 14.42 13.54
C GLU A 276 3.13 13.67 12.71
N SER A 277 4.39 13.94 13.08
CA SER A 277 5.62 13.37 12.54
CA SER A 277 5.56 13.37 12.45
C SER A 277 5.63 11.84 12.56
N TRP A 278 4.96 11.24 13.55
CA TRP A 278 4.99 9.79 13.76
C TRP A 278 4.03 9.02 12.86
N VAL A 279 3.37 9.75 11.95
CA VAL A 279 2.65 9.21 10.81
C VAL A 279 3.56 9.22 9.57
N GLY A 280 4.03 8.04 9.15
CA GLY A 280 4.76 7.94 7.88
C GLY A 280 3.82 8.19 6.70
N GLY A 281 4.31 8.81 5.61
CA GLY A 281 3.45 9.15 4.48
C GLY A 281 2.70 7.95 3.92
N ARG A 282 3.38 6.80 3.83
CA ARG A 282 2.85 5.56 3.26
C ARG A 282 1.90 4.84 4.23
N TYR A 283 1.71 5.42 5.42
CA TYR A 283 0.77 4.96 6.44
C TYR A 283 -0.14 6.11 6.89
N SER A 284 -0.41 7.10 6.01
CA SER A 284 -1.07 8.35 6.39
C SER A 284 -2.53 8.45 5.98
N VAL A 285 -3.05 7.51 5.16
CA VAL A 285 -4.40 7.63 4.64
C VAL A 285 -5.44 7.69 5.78
N TRP A 286 -5.07 7.12 6.95
CA TRP A 286 -5.89 7.03 8.14
C TRP A 286 -6.02 8.41 8.80
N SER A 287 -5.12 9.33 8.46
CA SER A 287 -5.01 10.66 9.09
C SER A 287 -5.88 11.66 8.36
N ALA A 288 -5.58 12.95 8.59
CA ALA A 288 -6.10 14.09 7.81
C ALA A 288 -5.94 13.88 6.31
N ILE A 289 -4.93 13.10 5.91
CA ILE A 289 -4.68 12.83 4.50
C ILE A 289 -5.90 12.18 3.84
N GLY A 290 -6.73 11.45 4.60
CA GLY A 290 -7.88 10.78 4.01
C GLY A 290 -9.10 11.71 3.87
N LEU A 291 -8.91 13.04 4.05
CA LEU A 291 -10.05 13.97 4.02
C LEU A 291 -10.81 13.84 2.69
N SER A 292 -10.10 13.71 1.56
CA SER A 292 -10.76 13.52 0.28
C SER A 292 -11.71 12.32 0.33
N VAL A 293 -11.31 11.25 1.05
CA VAL A 293 -12.11 10.04 1.17
C VAL A 293 -13.40 10.36 1.94
N ALA A 294 -13.22 11.04 3.10
CA ALA A 294 -14.35 11.45 3.94
C ALA A 294 -15.35 12.29 3.15
N ILE A 295 -14.87 13.20 2.27
CA ILE A 295 -15.77 14.04 1.48
C ILE A 295 -16.46 13.20 0.40
N TYR A 296 -15.71 12.29 -0.24
CA TYR A 296 -16.23 11.53 -1.36
C TYR A 296 -17.33 10.57 -0.91
N ILE A 297 -17.11 9.84 0.20
CA ILE A 297 -18.06 8.79 0.59
C ILE A 297 -18.71 9.08 1.94
N GLY A 298 -18.40 10.23 2.56
CA GLY A 298 -18.96 10.59 3.86
C GLY A 298 -18.06 10.10 5.01
N PHE A 299 -18.06 10.91 6.09
CA PHE A 299 -17.24 10.64 7.25
C PHE A 299 -17.55 9.29 7.90
N GLU A 300 -18.82 8.90 8.03
CA GLU A 300 -19.15 7.66 8.72
C GLU A 300 -18.51 6.48 7.99
N ASN A 301 -18.55 6.45 6.65
CA ASN A 301 -17.89 5.38 5.91
C ASN A 301 -16.38 5.39 6.14
N PHE A 302 -15.80 6.59 6.23
CA PHE A 302 -14.38 6.76 6.50
C PHE A 302 -14.05 6.24 7.90
N ASN A 303 -14.94 6.53 8.87
CA ASN A 303 -14.75 6.01 10.22
C ASN A 303 -14.81 4.46 10.25
N ASP A 304 -15.74 3.87 9.53
CA ASP A 304 -15.82 2.44 9.36
C ASP A 304 -14.54 1.83 8.80
N PHE A 305 -13.89 2.50 7.83
CA PHE A 305 -12.61 2.11 7.26
C PHE A 305 -11.53 2.09 8.33
N LEU A 306 -11.48 3.16 9.13
CA LEU A 306 -10.54 3.22 10.25
C LEU A 306 -10.77 2.08 11.24
N LYS A 307 -12.03 1.80 11.59
CA LYS A 307 -12.36 0.76 12.56
C LYS A 307 -12.03 -0.64 12.03
N GLY A 308 -12.01 -0.81 10.70
CA GLY A 308 -11.51 -2.04 10.12
C GLY A 308 -10.01 -2.23 10.35
N ALA A 309 -9.24 -1.13 10.23
CA ALA A 309 -7.81 -1.11 10.50
C ALA A 309 -7.58 -1.41 11.98
N GLU A 310 -8.40 -0.78 12.83
CA GLU A 310 -8.27 -0.91 14.28
C GLU A 310 -8.47 -2.37 14.70
N ALA A 311 -9.42 -3.06 14.08
CA ALA A 311 -9.70 -4.43 14.43
C ALA A 311 -8.55 -5.36 13.99
N MET A 312 -7.95 -5.06 12.81
CA MET A 312 -6.84 -5.86 12.34
C MET A 312 -5.60 -5.59 13.22
N ASP A 313 -5.47 -4.35 13.73
CA ASP A 313 -4.39 -3.99 14.64
C ASP A 313 -4.50 -4.81 15.93
N GLN A 314 -5.73 -4.91 16.48
CA GLN A 314 -6.00 -5.71 17.67
C GLN A 314 -5.73 -7.19 17.36
N HIS A 315 -6.09 -7.70 16.18
CA HIS A 315 -5.68 -9.04 15.79
C HIS A 315 -4.16 -9.20 15.84
N PHE A 316 -3.42 -8.28 15.21
CA PHE A 316 -1.97 -8.36 15.12
C PHE A 316 -1.33 -8.32 16.52
N LEU A 317 -1.87 -7.46 17.39
CA LEU A 317 -1.29 -7.23 18.70
C LEU A 317 -1.48 -8.43 19.65
N THR A 318 -2.61 -9.15 19.55
CA THR A 318 -3.04 -10.03 20.62
C THR A 318 -3.00 -11.51 20.23
N THR A 319 -2.58 -11.83 18.99
CA THR A 319 -2.69 -13.21 18.51
C THR A 319 -1.29 -13.84 18.51
N PRO A 320 -1.14 -15.07 19.07
CA PRO A 320 0.11 -15.79 18.99
C PRO A 320 0.55 -15.89 17.53
N LEU A 321 1.85 -15.79 17.33
CA LEU A 321 2.45 -15.71 16.01
C LEU A 321 1.87 -16.74 15.05
N GLU A 322 1.66 -17.95 15.53
CA GLU A 322 1.37 -19.07 14.63
C GLU A 322 -0.05 -18.97 14.05
N ASN A 323 -0.88 -18.05 14.58
CA ASN A 323 -2.25 -17.88 14.13
C ASN A 323 -2.49 -16.43 13.70
N ASN A 324 -1.40 -15.66 13.67
CA ASN A 324 -1.39 -14.23 13.49
C ASN A 324 -1.27 -13.98 11.99
N ILE A 325 -2.38 -13.59 11.36
CA ILE A 325 -2.53 -13.63 9.91
C ILE A 325 -1.49 -12.75 9.22
N PRO A 326 -1.27 -11.47 9.59
CA PRO A 326 -0.25 -10.67 8.91
C PRO A 326 1.16 -11.21 9.13
N VAL A 327 1.41 -11.79 10.31
CA VAL A 327 2.68 -12.48 10.58
C VAL A 327 2.89 -13.64 9.61
N ILE A 328 1.90 -14.51 9.43
CA ILE A 328 2.02 -15.65 8.52
C ILE A 328 2.37 -15.16 7.11
N GLY A 329 1.68 -14.11 6.62
CA GLY A 329 1.97 -13.50 5.35
C GLY A 329 3.41 -12.98 5.24
N GLY A 330 3.91 -12.37 6.31
CA GLY A 330 5.27 -11.85 6.34
C GLY A 330 6.31 -12.97 6.32
N LEU A 331 5.99 -14.07 7.02
CA LEU A 331 6.90 -15.20 7.17
C LEU A 331 7.07 -15.90 5.81
N LEU A 332 5.96 -16.03 5.07
CA LEU A 332 6.00 -16.64 3.76
C LEU A 332 6.82 -15.76 2.82
N SER A 333 6.67 -14.43 2.93
CA SER A 333 7.42 -13.49 2.12
C SER A 333 8.93 -13.71 2.28
N VAL A 334 9.41 -13.77 3.53
CA VAL A 334 10.80 -14.02 3.88
C VAL A 334 11.27 -15.35 3.31
N TRP A 335 10.45 -16.40 3.54
CA TRP A 335 10.66 -17.72 2.97
C TRP A 335 10.96 -17.63 1.47
N TYR A 336 10.08 -16.96 0.70
CA TYR A 336 10.25 -16.84 -0.73
C TYR A 336 11.42 -15.93 -1.10
N ASN A 337 11.56 -14.77 -0.40
CA ASN A 337 12.55 -13.75 -0.72
C ASN A 337 13.97 -14.23 -0.43
N ASN A 338 14.15 -14.85 0.74
CA ASN A 338 15.45 -15.14 1.28
C ASN A 338 15.87 -16.60 1.12
N PHE A 339 14.94 -17.54 0.93
CA PHE A 339 15.34 -18.94 0.80
C PHE A 339 15.20 -19.41 -0.64
N PHE A 340 14.12 -19.04 -1.33
CA PHE A 340 13.96 -19.40 -2.74
C PHE A 340 14.67 -18.39 -3.64
N GLY A 341 14.83 -17.14 -3.17
CA GLY A 341 15.39 -16.08 -4.00
C GLY A 341 14.42 -15.49 -5.02
N ALA A 342 13.10 -15.59 -4.78
CA ALA A 342 12.13 -14.85 -5.56
C ALA A 342 12.24 -13.35 -5.26
N GLN A 343 12.29 -12.52 -6.31
CA GLN A 343 12.51 -11.10 -6.12
C GLN A 343 11.22 -10.31 -6.05
N THR A 344 10.09 -10.92 -6.47
CA THR A 344 8.84 -10.17 -6.62
C THR A 344 7.72 -10.76 -5.76
N HIS A 345 6.66 -9.98 -5.60
CA HIS A 345 5.47 -10.40 -4.89
C HIS A 345 4.31 -9.78 -5.65
N LEU A 346 3.49 -10.63 -6.25
CA LEU A 346 2.40 -10.19 -7.12
C LEU A 346 1.14 -10.07 -6.28
N VAL A 347 0.41 -8.96 -6.42
CA VAL A 347 -0.86 -8.75 -5.75
C VAL A 347 -1.93 -8.48 -6.82
N VAL A 348 -2.92 -9.37 -6.91
CA VAL A 348 -3.93 -9.32 -7.97
C VAL A 348 -5.33 -9.30 -7.36
N PRO A 349 -5.96 -8.11 -7.31
CA PRO A 349 -7.38 -8.03 -6.93
C PRO A 349 -8.27 -8.47 -8.08
N PHE A 350 -9.15 -9.45 -7.81
CA PHE A 350 -10.18 -9.83 -8.75
C PHE A 350 -11.36 -8.87 -8.53
N ASP A 351 -11.09 -7.59 -8.81
CA ASP A 351 -11.94 -6.49 -8.38
C ASP A 351 -11.49 -5.25 -9.11
N GLN A 352 -12.33 -4.74 -10.03
CA GLN A 352 -12.01 -3.53 -10.77
C GLN A 352 -11.87 -2.29 -9.87
N TYR A 353 -12.75 -2.14 -8.85
CA TYR A 353 -12.63 -0.99 -7.95
C TYR A 353 -11.23 -0.93 -7.34
N LEU A 354 -10.63 -2.09 -7.04
CA LEU A 354 -9.30 -2.16 -6.42
C LEU A 354 -8.16 -2.08 -7.44
N HIS A 355 -8.37 -1.43 -8.59
CA HIS A 355 -7.36 -1.37 -9.65
C HIS A 355 -6.06 -0.66 -9.23
N ARG A 356 -6.14 0.28 -8.26
CA ARG A 356 -4.97 1.01 -7.79
C ARG A 356 -4.51 0.50 -6.43
N PHE A 357 -4.95 -0.70 -6.05
CA PHE A 357 -4.57 -1.31 -4.78
C PHE A 357 -3.12 -1.79 -4.85
N PRO A 358 -2.67 -2.51 -5.93
CA PRO A 358 -1.24 -2.83 -6.08
C PRO A 358 -0.27 -1.64 -6.08
N ALA A 359 -0.64 -0.52 -6.73
CA ALA A 359 0.21 0.67 -6.78
C ALA A 359 0.40 1.29 -5.39
N TYR A 360 -0.68 1.25 -4.58
CA TYR A 360 -0.62 1.71 -3.20
C TYR A 360 0.31 0.84 -2.35
N LEU A 361 0.16 -0.49 -2.45
CA LEU A 361 0.97 -1.44 -1.71
C LEU A 361 2.44 -1.34 -2.10
N GLN A 362 2.72 -0.94 -3.33
CA GLN A 362 4.09 -0.79 -3.83
C GLN A 362 4.84 0.22 -2.97
N GLN A 363 4.22 1.34 -2.63
CA GLN A 363 4.88 2.30 -1.75
C GLN A 363 4.99 1.74 -0.34
N LEU A 364 3.86 1.32 0.23
CA LEU A 364 3.86 0.76 1.59
C LEU A 364 5.01 -0.26 1.72
N SER A 365 5.10 -1.21 0.77
CA SER A 365 6.03 -2.30 0.90
C SER A 365 7.46 -1.83 0.58
N MET A 366 7.64 -1.24 -0.59
CA MET A 366 8.98 -1.07 -1.12
C MET A 366 9.68 0.13 -0.46
N GLU A 367 8.94 1.20 -0.17
CA GLU A 367 9.57 2.34 0.50
C GLU A 367 9.92 2.01 1.95
N SER A 368 9.13 1.12 2.57
CA SER A 368 9.42 0.63 3.92
C SER A 368 10.66 -0.24 3.89
N ASN A 369 10.66 -1.25 3.00
CA ASN A 369 11.56 -2.40 3.17
C ASN A 369 12.74 -2.44 2.19
N GLY A 370 12.84 -1.46 1.29
CA GLY A 370 13.98 -1.32 0.40
C GLY A 370 15.13 -0.61 1.10
N LYS A 371 15.77 -1.38 2.00
CA LYS A 371 16.84 -0.91 2.89
C LYS A 371 17.99 -1.92 2.87
N SER A 372 19.21 -1.44 3.16
CA SER A 372 20.44 -2.21 3.13
C SER A 372 21.18 -2.18 4.47
N VAL A 373 20.57 -1.55 5.50
CA VAL A 373 21.23 -1.31 6.78
C VAL A 373 20.27 -1.70 7.90
N THR A 374 20.78 -2.44 8.90
CA THR A 374 20.00 -2.97 10.00
C THR A 374 19.95 -1.95 11.14
N ARG A 375 19.16 -2.30 12.18
CA ARG A 375 19.01 -1.51 13.40
C ARG A 375 20.28 -1.55 14.26
N ALA A 376 21.21 -2.48 13.99
CA ALA A 376 22.53 -2.48 14.60
C ALA A 376 23.53 -1.67 13.77
N ASN A 377 23.05 -1.04 12.70
CA ASN A 377 23.83 -0.09 11.91
C ASN A 377 24.96 -0.81 11.19
N VAL A 378 24.70 -2.02 10.68
CA VAL A 378 25.61 -2.70 9.79
C VAL A 378 24.84 -3.02 8.50
N PHE A 379 25.59 -3.27 7.41
CA PHE A 379 25.02 -3.58 6.12
C PHE A 379 24.54 -5.01 6.11
N THR A 380 23.40 -5.23 5.47
CA THR A 380 22.83 -6.56 5.32
C THR A 380 23.75 -7.36 4.40
N ASN A 381 23.76 -8.69 4.60
CA ASN A 381 24.38 -9.59 3.65
C ASN A 381 23.31 -10.56 3.14
N TYR A 382 22.05 -10.07 2.99
CA TYR A 382 20.92 -10.90 2.57
C TYR A 382 19.86 -9.97 1.98
N GLN A 383 18.89 -10.54 1.23
CA GLN A 383 17.85 -9.77 0.58
C GLN A 383 16.86 -9.17 1.59
N THR A 384 16.52 -7.89 1.35
CA THR A 384 15.48 -7.19 2.07
C THR A 384 14.28 -7.06 1.13
N GLY A 385 13.64 -5.87 1.05
CA GLY A 385 12.35 -5.72 0.43
C GLY A 385 12.23 -6.38 -0.95
N THR A 386 11.06 -6.99 -1.16
CA THR A 386 10.59 -7.56 -2.41
C THR A 386 10.13 -6.44 -3.33
N ILE A 387 10.10 -6.75 -4.64
CA ILE A 387 9.50 -5.87 -5.62
C ILE A 387 8.03 -6.27 -5.80
N LEU A 388 7.13 -5.39 -5.36
CA LEU A 388 5.70 -5.67 -5.37
C LEU A 388 5.10 -5.05 -6.62
N PHE A 389 4.27 -5.84 -7.34
CA PHE A 389 3.60 -5.39 -8.55
C PHE A 389 2.24 -6.10 -8.65
N GLY A 390 1.40 -5.61 -9.56
CA GLY A 390 0.12 -6.24 -9.83
C GLY A 390 -0.78 -5.38 -10.72
N GLU A 391 -1.83 -6.04 -11.25
CA GLU A 391 -2.94 -5.42 -11.93
C GLU A 391 -4.20 -6.18 -11.49
N PRO A 392 -5.41 -5.58 -11.56
CA PRO A 392 -6.65 -6.35 -11.34
C PRO A 392 -6.79 -7.51 -12.34
N ALA A 393 -7.39 -8.61 -11.86
CA ALA A 393 -7.95 -9.66 -12.69
C ALA A 393 -9.43 -9.35 -12.96
N THR A 394 -9.97 -9.80 -14.12
CA THR A 394 -9.33 -10.76 -15.03
C THR A 394 -8.37 -10.12 -16.04
N ASN A 395 -8.18 -8.80 -16.01
CA ASN A 395 -7.29 -8.13 -16.93
C ASN A 395 -5.88 -8.74 -16.94
N ALA A 396 -5.32 -8.97 -15.74
CA ALA A 396 -3.95 -9.46 -15.57
C ALA A 396 -3.75 -10.83 -16.21
N GLN A 397 -4.83 -11.64 -16.32
CA GLN A 397 -4.78 -12.98 -16.94
C GLN A 397 -4.44 -12.90 -18.42
N HIS A 398 -4.79 -11.75 -19.02
CA HIS A 398 -4.62 -11.49 -20.44
C HIS A 398 -3.43 -10.57 -20.71
N SER A 399 -2.60 -10.29 -19.68
CA SER A 399 -1.42 -9.45 -19.83
C SER A 399 -0.16 -10.26 -19.57
N PHE A 400 0.09 -10.61 -18.30
CA PHE A 400 1.36 -11.24 -17.95
C PHE A 400 1.19 -12.59 -17.24
N PHE A 401 -0.05 -13.07 -17.04
CA PHE A 401 -0.25 -14.37 -16.41
C PHE A 401 0.39 -15.50 -17.23
N GLN A 402 0.55 -15.35 -18.54
CA GLN A 402 1.31 -16.32 -19.32
C GLN A 402 2.66 -16.65 -18.65
N LEU A 403 3.39 -15.61 -18.24
CA LEU A 403 4.70 -15.79 -17.60
C LEU A 403 4.53 -16.39 -16.18
N VAL A 404 3.47 -16.02 -15.46
CA VAL A 404 3.21 -16.57 -14.13
C VAL A 404 3.00 -18.08 -14.23
N HIS A 405 2.36 -18.55 -15.32
CA HIS A 405 2.08 -19.98 -15.51
C HIS A 405 3.24 -20.75 -16.17
N GLN A 406 3.96 -20.14 -17.14
CA GLN A 406 4.90 -20.88 -17.98
C GLN A 406 6.32 -20.28 -18.02
N GLY A 407 6.57 -19.23 -17.24
CA GLY A 407 7.89 -18.62 -17.19
C GLY A 407 8.82 -19.40 -16.26
N THR A 408 10.03 -18.85 -16.11
CA THR A 408 11.13 -19.47 -15.36
C THR A 408 11.31 -18.82 -14.00
N LYS A 409 10.39 -17.93 -13.59
CA LYS A 409 10.52 -17.22 -12.32
C LYS A 409 9.43 -17.65 -11.36
N LEU A 410 9.84 -17.84 -10.10
CA LEU A 410 8.93 -17.98 -8.96
C LEU A 410 8.37 -16.60 -8.59
N ILE A 411 7.03 -16.49 -8.60
CA ILE A 411 6.32 -15.24 -8.33
C ILE A 411 5.21 -15.55 -7.33
N PRO A 412 5.53 -15.50 -6.01
CA PRO A 412 4.51 -15.55 -4.95
C PRO A 412 3.44 -14.51 -5.26
N ALA A 413 2.17 -14.95 -5.18
CA ALA A 413 1.03 -14.18 -5.66
C ALA A 413 -0.08 -14.22 -4.62
N ASP A 414 -0.71 -13.05 -4.42
CA ASP A 414 -1.89 -12.92 -3.58
C ASP A 414 -3.05 -12.53 -4.49
N PHE A 415 -4.10 -13.36 -4.44
CA PHE A 415 -5.35 -13.12 -5.14
C PHE A 415 -6.42 -12.72 -4.12
N ILE A 416 -7.21 -11.70 -4.48
CA ILE A 416 -8.22 -11.11 -3.60
C ILE A 416 -9.57 -11.08 -4.32
N LEU A 417 -10.61 -11.56 -3.67
CA LEU A 417 -11.96 -11.53 -4.27
C LEU A 417 -12.99 -11.20 -3.19
N ALA A 418 -14.04 -10.47 -3.56
CA ALA A 418 -15.22 -10.31 -2.71
C ALA A 418 -16.29 -11.29 -3.16
N ALA A 419 -16.94 -11.98 -2.21
CA ALA A 419 -18.01 -12.90 -2.53
C ALA A 419 -19.24 -12.16 -3.10
N GLN A 420 -19.45 -10.91 -2.66
CA GLN A 420 -20.53 -10.05 -3.14
C GLN A 420 -19.98 -8.79 -3.82
N SER A 421 -20.60 -8.45 -4.96
CA SER A 421 -20.26 -7.27 -5.75
C SER A 421 -21.16 -6.12 -5.30
N HIS A 422 -20.65 -4.88 -5.39
CA HIS A 422 -21.47 -3.68 -5.26
C HIS A 422 -22.29 -3.49 -6.55
N ASN A 423 -21.97 -4.25 -7.60
CA ASN A 423 -22.57 -4.07 -8.91
C ASN A 423 -23.03 -5.42 -9.44
N PRO A 424 -24.00 -6.10 -8.78
CA PRO A 424 -24.38 -7.47 -9.15
C PRO A 424 -25.30 -7.50 -10.37
N ILE A 425 -24.86 -6.93 -11.49
CA ILE A 425 -25.69 -6.85 -12.69
C ILE A 425 -26.00 -8.25 -13.21
N GLU A 426 -27.11 -8.33 -13.95
CA GLU A 426 -27.59 -9.56 -14.57
C GLU A 426 -27.69 -10.68 -13.58
N LYS A 427 -28.28 -10.36 -12.41
CA LYS A 427 -28.46 -11.34 -11.37
C LYS A 427 -27.15 -12.11 -11.20
N ASN A 428 -26.05 -11.35 -11.14
CA ASN A 428 -24.72 -11.82 -10.69
C ASN A 428 -24.01 -12.67 -11.73
N LEU A 429 -24.41 -12.58 -13.01
CA LEU A 429 -23.76 -13.35 -14.06
C LEU A 429 -22.27 -12.98 -14.11
N HIS A 430 -21.95 -11.70 -14.07
CA HIS A 430 -20.57 -11.26 -14.19
C HIS A 430 -19.79 -11.65 -12.95
N GLN A 431 -20.44 -11.56 -11.77
CA GLN A 431 -19.80 -11.85 -10.50
C GLN A 431 -19.38 -13.32 -10.41
N ARG A 432 -20.25 -14.26 -10.81
CA ARG A 432 -19.95 -15.68 -10.80
C ARG A 432 -18.81 -16.01 -11.76
N MET A 433 -18.79 -15.36 -12.95
CA MET A 433 -17.70 -15.54 -13.91
C MET A 433 -16.38 -15.02 -13.32
N LEU A 434 -16.41 -13.84 -12.74
CA LEU A 434 -15.24 -13.27 -12.08
C LEU A 434 -14.73 -14.25 -11.01
N ALA A 435 -15.65 -14.74 -10.17
CA ALA A 435 -15.26 -15.61 -9.07
C ALA A 435 -14.65 -16.91 -9.62
N SER A 436 -15.26 -17.47 -10.68
CA SER A 436 -14.76 -18.71 -11.29
C SER A 436 -13.29 -18.57 -11.71
N ASN A 437 -12.91 -17.41 -12.21
CA ASN A 437 -11.53 -17.12 -12.60
C ASN A 437 -10.62 -17.07 -11.37
N PHE A 438 -11.05 -16.40 -10.30
CA PHE A 438 -10.31 -16.35 -9.04
C PHE A 438 -9.96 -17.75 -8.56
N PHE A 439 -10.94 -18.67 -8.53
CA PHE A 439 -10.71 -20.03 -8.07
C PHE A 439 -9.80 -20.78 -9.02
N ALA A 440 -10.07 -20.69 -10.33
CA ALA A 440 -9.40 -21.49 -11.35
C ALA A 440 -7.93 -21.10 -11.50
N GLN A 441 -7.59 -19.82 -11.32
CA GLN A 441 -6.22 -19.36 -11.55
C GLN A 441 -5.29 -19.95 -10.49
N SER A 442 -5.74 -19.96 -9.23
CA SER A 442 -4.90 -20.54 -8.19
C SER A 442 -4.85 -22.06 -8.33
N GLU A 443 -6.00 -22.64 -8.74
CA GLU A 443 -6.08 -24.07 -9.00
C GLU A 443 -5.05 -24.43 -10.08
N ALA A 444 -5.10 -23.71 -11.21
CA ALA A 444 -4.23 -23.94 -12.36
C ALA A 444 -2.75 -23.86 -11.97
N LEU A 445 -2.41 -22.82 -11.20
CA LEU A 445 -1.02 -22.59 -10.84
C LEU A 445 -0.53 -23.73 -9.96
N MET A 446 -1.43 -24.31 -9.15
CA MET A 446 -1.00 -25.41 -8.29
C MET A 446 -0.91 -26.73 -9.07
N VAL A 447 -1.95 -27.06 -9.85
CA VAL A 447 -2.07 -28.43 -10.36
C VAL A 447 -1.19 -28.63 -11.60
N GLY A 448 -0.99 -27.57 -12.37
CA GLY A 448 -0.22 -27.67 -13.60
C GLY A 448 -0.86 -28.66 -14.58
N LYS A 449 -0.03 -29.15 -15.49
CA LYS A 449 -0.47 -30.12 -16.50
C LYS A 449 0.77 -30.81 -17.06
N ASP A 450 0.90 -32.11 -16.78
CA ASP A 450 2.09 -32.86 -17.13
C ASP A 450 2.06 -33.31 -18.61
N GLU A 451 3.17 -33.95 -19.01
CA GLU A 451 3.39 -34.50 -20.35
C GLU A 451 2.25 -35.43 -20.79
N ALA A 452 1.91 -36.37 -19.90
CA ALA A 452 0.89 -37.38 -20.15
C ALA A 452 -0.45 -36.75 -20.51
N LYS A 453 -0.90 -35.75 -19.73
CA LYS A 453 -2.15 -35.04 -19.98
C LYS A 453 -2.09 -34.25 -21.30
N VAL A 454 -0.97 -33.58 -21.58
CA VAL A 454 -0.78 -32.89 -22.85
C VAL A 454 -0.96 -33.88 -24.02
N LYS A 455 -0.39 -35.09 -23.88
CA LYS A 455 -0.53 -36.13 -24.91
C LYS A 455 -2.00 -36.57 -25.00
N ALA A 456 -2.66 -36.79 -23.86
CA ALA A 456 -4.06 -37.25 -23.82
C ALA A 456 -4.97 -36.23 -24.47
N GLU A 457 -4.65 -34.93 -24.29
CA GLU A 457 -5.46 -33.85 -24.83
C GLU A 457 -5.14 -33.63 -26.31
N GLY A 458 -4.16 -34.32 -26.90
CA GLY A 458 -4.10 -34.36 -28.37
C GLY A 458 -2.76 -33.92 -28.97
N ALA A 459 -1.83 -33.35 -28.19
CA ALA A 459 -0.58 -32.89 -28.78
C ALA A 459 0.34 -34.08 -29.06
N THR A 460 1.13 -33.98 -30.16
CA THR A 460 2.12 -34.98 -30.56
CA THR A 460 2.13 -34.98 -30.50
C THR A 460 3.46 -34.28 -30.77
N GLY A 461 4.53 -35.07 -30.71
CA GLY A 461 5.89 -34.62 -31.04
C GLY A 461 6.36 -33.40 -30.25
N GLY A 462 7.05 -32.51 -30.96
CA GLY A 462 7.69 -31.37 -30.33
C GLY A 462 6.71 -30.33 -29.81
N LEU A 463 5.43 -30.41 -30.19
CA LEU A 463 4.48 -29.46 -29.63
C LEU A 463 4.24 -29.74 -28.14
N VAL A 464 4.41 -30.99 -27.70
CA VAL A 464 4.00 -31.44 -26.38
C VAL A 464 4.54 -30.52 -25.28
N PRO A 465 5.87 -30.28 -25.12
CA PRO A 465 6.41 -29.50 -23.98
C PRO A 465 5.90 -28.06 -23.86
N HIS A 466 5.58 -27.44 -25.01
CA HIS A 466 5.06 -26.08 -25.12
C HIS A 466 3.75 -25.91 -24.37
N LYS A 467 2.95 -27.00 -24.27
CA LYS A 467 1.65 -26.96 -23.62
C LYS A 467 1.65 -27.48 -22.18
N GLU A 468 2.84 -27.80 -21.64
CA GLU A 468 2.94 -28.29 -20.27
C GLU A 468 2.96 -27.11 -19.29
N PHE A 469 2.39 -27.36 -18.10
CA PHE A 469 2.42 -26.44 -16.98
C PHE A 469 3.10 -27.16 -15.82
N SER A 470 4.18 -26.55 -15.28
CA SER A 470 4.89 -27.11 -14.15
C SER A 470 3.94 -27.31 -12.98
N GLY A 471 3.03 -26.34 -12.77
CA GLY A 471 2.26 -26.30 -11.53
C GLY A 471 3.17 -26.12 -10.31
N ASN A 472 2.65 -26.42 -9.10
CA ASN A 472 3.44 -26.22 -7.90
CA ASN A 472 3.28 -26.18 -7.82
C ASN A 472 3.80 -24.73 -7.75
N ARG A 473 3.00 -23.84 -8.34
CA ARG A 473 3.22 -22.40 -8.28
C ARG A 473 2.29 -21.83 -7.21
N PRO A 474 2.90 -21.19 -6.18
CA PRO A 474 2.17 -20.80 -4.98
C PRO A 474 1.29 -19.56 -5.13
N THR A 475 0.16 -19.63 -4.42
CA THR A 475 -0.73 -18.51 -4.25
C THR A 475 -1.26 -18.48 -2.81
N THR A 476 -1.60 -17.27 -2.40
CA THR A 476 -2.43 -16.97 -1.25
C THR A 476 -3.74 -16.42 -1.79
N SER A 477 -4.86 -16.99 -1.35
CA SER A 477 -6.20 -16.51 -1.71
C SER A 477 -6.85 -15.85 -0.50
N ILE A 478 -7.37 -14.65 -0.76
CA ILE A 478 -8.00 -13.83 0.25
C ILE A 478 -9.41 -13.56 -0.25
N LEU A 479 -10.38 -14.21 0.39
CA LEU A 479 -11.78 -14.08 0.07
C LEU A 479 -12.51 -13.29 1.18
N ALA A 480 -13.00 -12.10 0.78
CA ALA A 480 -13.83 -11.29 1.65
C ALA A 480 -15.30 -11.52 1.30
N GLN A 481 -16.19 -11.19 2.24
CA GLN A 481 -17.61 -11.24 2.00
C GLN A 481 -17.97 -10.13 1.03
N LYS A 482 -17.36 -8.96 1.28
CA LYS A 482 -17.63 -7.76 0.50
C LYS A 482 -16.59 -6.68 0.79
N ILE A 483 -16.14 -5.97 -0.25
CA ILE A 483 -15.20 -4.87 -0.05
C ILE A 483 -15.94 -3.62 0.42
N THR A 484 -16.39 -3.67 1.68
CA THR A 484 -16.90 -2.50 2.40
C THR A 484 -15.72 -1.62 2.84
N PRO A 485 -15.99 -0.40 3.36
CA PRO A 485 -14.96 0.39 4.03
C PRO A 485 -14.19 -0.40 5.11
N ALA A 486 -14.93 -1.12 5.97
CA ALA A 486 -14.34 -1.90 7.06
C ALA A 486 -13.41 -2.97 6.52
N THR A 487 -13.85 -3.69 5.48
CA THR A 487 -13.04 -4.69 4.83
C THR A 487 -11.76 -4.08 4.28
N LEU A 488 -11.87 -2.97 3.55
CA LEU A 488 -10.69 -2.35 2.94
C LEU A 488 -9.70 -1.88 4.02
N GLY A 489 -10.22 -1.31 5.12
CA GLY A 489 -9.34 -0.91 6.21
C GLY A 489 -8.58 -2.12 6.80
N SER A 490 -9.28 -3.25 6.98
CA SER A 490 -8.64 -4.47 7.50
C SER A 490 -7.59 -5.00 6.52
N LEU A 491 -7.85 -4.92 5.21
CA LEU A 491 -6.94 -5.42 4.17
C LEU A 491 -5.66 -4.60 4.08
N ILE A 492 -5.80 -3.27 4.15
CA ILE A 492 -4.61 -2.43 4.16
C ILE A 492 -3.78 -2.71 5.42
N ALA A 493 -4.43 -2.76 6.59
CA ALA A 493 -3.72 -3.01 7.84
C ALA A 493 -2.99 -4.37 7.79
N TYR A 494 -3.60 -5.36 7.11
CA TYR A 494 -2.97 -6.65 6.91
C TYR A 494 -1.62 -6.45 6.21
N TYR A 495 -1.58 -5.69 5.11
CA TYR A 495 -0.32 -5.47 4.40
C TYR A 495 0.64 -4.62 5.23
N GLU A 496 0.12 -3.67 6.01
CA GLU A 496 0.95 -2.86 6.89
C GLU A 496 1.69 -3.77 7.89
N HIS A 497 0.97 -4.71 8.51
CA HIS A 497 1.60 -5.56 9.54
C HIS A 497 2.41 -6.69 8.93
N LEU A 498 2.08 -7.05 7.68
CA LEU A 498 2.91 -8.00 6.96
C LEU A 498 4.26 -7.35 6.71
N THR A 499 4.21 -6.09 6.24
CA THR A 499 5.37 -5.26 5.96
C THR A 499 6.19 -5.13 7.25
N PHE A 500 5.46 -5.02 8.36
CA PHE A 500 6.09 -4.86 9.65
C PHE A 500 6.93 -6.10 9.96
N THR A 501 6.33 -7.29 9.77
CA THR A 501 6.92 -8.56 10.15
C THR A 501 8.20 -8.78 9.37
N GLU A 502 8.12 -8.51 8.06
CA GLU A 502 9.24 -8.62 7.15
C GLU A 502 10.41 -7.78 7.64
N GLY A 503 10.13 -6.49 7.88
CA GLY A 503 11.17 -5.57 8.27
C GLY A 503 11.80 -5.97 9.58
N ALA A 504 10.95 -6.50 10.49
CA ALA A 504 11.39 -6.93 11.82
C ALA A 504 12.35 -8.11 11.73
N ILE A 505 12.03 -9.09 10.87
CA ILE A 505 12.89 -10.24 10.66
C ILE A 505 14.22 -9.78 10.09
N TRP A 506 14.17 -8.88 9.08
CA TRP A 506 15.36 -8.41 8.39
C TRP A 506 16.16 -7.44 9.25
N ASN A 507 15.57 -7.00 10.38
CA ASN A 507 16.22 -6.14 11.33
C ASN A 507 16.49 -4.78 10.69
N ILE A 508 15.62 -4.36 9.76
CA ILE A 508 15.73 -3.07 9.10
C ILE A 508 14.78 -2.10 9.79
N ASN A 509 14.92 -0.82 9.46
CA ASN A 509 13.96 0.21 9.86
C ASN A 509 12.95 0.42 8.73
N SER A 510 11.74 -0.10 8.90
CA SER A 510 10.71 -0.04 7.88
C SER A 510 10.12 1.36 7.76
N PHE A 511 10.58 2.35 8.58
CA PHE A 511 9.82 3.57 8.84
C PHE A 511 10.56 4.84 8.41
N ASP A 512 11.81 4.73 7.96
CA ASP A 512 12.54 5.83 7.35
C ASP A 512 12.56 5.68 5.82
N GLN A 513 13.09 6.71 5.14
CA GLN A 513 13.26 6.77 3.69
C GLN A 513 14.38 7.75 3.32
N TRP A 514 15.63 7.38 3.68
CA TRP A 514 16.79 8.24 3.44
C TRP A 514 17.17 8.24 1.95
N GLY A 515 16.68 7.23 1.25
CA GLY A 515 17.03 6.93 -0.13
C GLY A 515 16.51 7.94 -1.15
N VAL A 516 15.58 8.82 -0.76
CA VAL A 516 15.02 9.80 -1.69
C VAL A 516 15.80 11.12 -1.70
N GLU A 517 16.71 11.35 -0.74
CA GLU A 517 17.36 12.65 -0.61
C GLU A 517 18.34 12.97 -1.75
N LEU A 518 19.16 12.01 -2.20
CA LEU A 518 20.17 12.32 -3.21
C LEU A 518 19.53 12.83 -4.50
N GLY A 519 18.47 12.17 -5.00
CA GLY A 519 17.79 12.60 -6.21
C GLY A 519 17.22 14.03 -6.10
N LYS A 520 16.73 14.35 -4.90
CA LYS A 520 16.16 15.66 -4.60
C LYS A 520 17.24 16.73 -4.70
N VAL A 521 18.39 16.51 -4.04
CA VAL A 521 19.49 17.48 -4.04
C VAL A 521 20.04 17.62 -5.46
N LEU A 522 20.21 16.50 -6.18
CA LEU A 522 20.79 16.58 -7.50
C LEU A 522 19.85 17.31 -8.50
N ALA A 523 18.52 17.11 -8.37
CA ALA A 523 17.55 17.76 -9.23
C ALA A 523 17.55 19.28 -9.04
N LYS A 524 17.73 19.75 -7.80
CA LYS A 524 17.73 21.19 -7.57
C LYS A 524 18.93 21.82 -8.26
N VAL A 525 20.10 21.19 -8.16
CA VAL A 525 21.28 21.69 -8.85
C VAL A 525 21.00 21.83 -10.35
N ILE A 526 20.40 20.78 -10.95
CA ILE A 526 20.19 20.76 -12.38
C ILE A 526 19.11 21.78 -12.76
N GLY A 527 18.07 21.91 -11.92
CA GLY A 527 17.00 22.85 -12.19
C GLY A 527 17.54 24.27 -12.43
N LYS A 528 18.52 24.67 -11.60
CA LYS A 528 19.16 25.97 -11.77
C LYS A 528 19.90 26.03 -13.11
N GLU A 529 20.53 24.94 -13.55
CA GLU A 529 21.24 24.88 -14.82
C GLU A 529 20.27 24.96 -16.01
N LEU A 530 19.00 24.57 -15.83
CA LEU A 530 18.06 24.60 -16.94
C LEU A 530 17.47 26.00 -17.14
N ASP A 531 17.83 26.95 -16.29
CA ASP A 531 17.37 28.34 -16.42
C ASP A 531 18.07 29.05 -17.57
N ASP A 532 19.10 28.44 -18.19
CA ASP A 532 19.61 28.98 -19.45
C ASP A 532 19.91 27.85 -20.43
N LYS A 533 20.36 28.24 -21.63
CA LYS A 533 20.68 27.29 -22.68
C LYS A 533 22.19 27.14 -22.90
N LYS A 534 23.00 27.54 -21.92
CA LYS A 534 24.44 27.31 -21.94
C LYS A 534 24.72 25.83 -21.66
N ALA A 535 25.61 25.21 -22.47
CA ALA A 535 26.01 23.82 -22.31
C ALA A 535 26.63 23.67 -20.92
N VAL A 536 26.45 22.48 -20.32
CA VAL A 536 26.92 22.26 -18.97
C VAL A 536 27.95 21.12 -19.02
N ALA A 537 28.94 21.25 -18.14
CA ALA A 537 30.02 20.28 -18.03
C ALA A 537 30.33 19.97 -16.55
N THR A 538 29.33 20.13 -15.67
CA THR A 538 29.52 20.06 -14.22
C THR A 538 29.26 18.65 -13.66
N HIS A 539 28.80 17.74 -14.54
CA HIS A 539 28.48 16.38 -14.13
C HIS A 539 29.30 15.37 -14.92
N ASP A 540 28.99 14.09 -14.67
CA ASP A 540 29.47 13.00 -15.50
C ASP A 540 29.07 13.31 -16.94
N ALA A 541 29.73 12.66 -17.89
CA ALA A 541 29.53 12.92 -19.32
C ALA A 541 28.14 12.51 -19.83
N SER A 542 27.48 11.52 -19.20
CA SER A 542 26.15 11.10 -19.62
C SER A 542 25.17 12.17 -19.21
N THR A 543 25.24 12.55 -17.92
CA THR A 543 24.34 13.55 -17.39
C THR A 543 24.52 14.84 -18.17
N ASN A 544 25.79 15.22 -18.46
CA ASN A 544 26.07 16.42 -19.22
C ASN A 544 25.45 16.32 -20.63
N GLY A 545 25.72 15.19 -21.32
CA GLY A 545 25.22 14.98 -22.67
C GLY A 545 23.69 14.98 -22.78
N LEU A 546 23.02 14.35 -21.82
CA LEU A 546 21.55 14.36 -21.75
C LEU A 546 21.01 15.78 -21.54
N ILE A 547 21.60 16.50 -20.60
CA ILE A 547 21.19 17.88 -20.36
C ILE A 547 21.40 18.74 -21.62
N ASN A 548 22.56 18.58 -22.27
CA ASN A 548 22.91 19.45 -23.38
C ASN A 548 22.00 19.12 -24.56
N GLN A 549 21.61 17.84 -24.72
CA GLN A 549 20.72 17.46 -25.82
C GLN A 549 19.32 18.04 -25.60
N PHE A 550 18.86 17.97 -24.33
CA PHE A 550 17.62 18.59 -23.90
C PHE A 550 17.63 20.09 -24.22
N LYS A 551 18.73 20.79 -23.88
CA LYS A 551 18.81 22.23 -24.12
C LYS A 551 18.67 22.57 -25.62
N GLU A 552 19.26 21.74 -26.49
CA GLU A 552 19.15 21.89 -27.92
C GLU A 552 17.71 21.64 -28.36
N TRP A 553 16.97 20.74 -27.68
CA TRP A 553 15.67 20.31 -28.17
C TRP A 553 14.50 20.96 -27.45
N GLU A 554 14.76 21.64 -26.33
CA GLU A 554 13.66 22.18 -25.56
C GLU A 554 13.13 23.42 -26.27
N GLU A 555 11.90 23.79 -25.89
CA GLU A 555 11.26 24.99 -26.41
C GLU A 555 12.16 26.22 -26.27
O1 F6P B . 9.19 9.46 -1.23
C1 F6P B . 9.55 10.52 -0.32
C2 F6P B . 8.29 10.98 0.37
O2 F6P B . 8.71 11.78 1.46
C3 F6P B . 7.29 9.87 0.78
O3 F6P B . 7.54 9.00 1.87
C4 F6P B . 6.05 10.74 0.97
O4 F6P B . 4.83 10.03 1.07
C5 F6P B . 6.12 11.62 -0.29
O5 F6P B . 7.54 11.78 -0.56
C6 F6P B . 5.43 12.97 -0.25
O6 F6P B . 5.90 13.73 0.89
P F6P B . 4.93 14.86 1.52
O1P F6P B . 5.82 15.42 2.67
O2P F6P B . 3.66 14.15 2.02
O3P F6P B . 4.66 15.90 0.40
CL CL C . 9.20 -21.70 -11.36
#